data_2VG0
#
_entry.id   2VG0
#
_cell.length_a   58.517
_cell.length_b   73.541
_cell.length_c   102.561
_cell.angle_alpha   90.00
_cell.angle_beta   90.00
_cell.angle_gamma   90.00
#
_symmetry.space_group_name_H-M   'P 21 21 21'
#
loop_
_entity.id
_entity.type
_entity.pdbx_description
1 polymer 'SHORT-CHAIN Z-ISOPRENYL DIPHOSPHATE SYNTHETASE'
2 non-polymer 'GERANYL DIPHOSPHATE'
3 non-polymer GLYCEROL
4 water water
#
_entity_poly.entity_id   1
_entity_poly.type   'polypeptide(L)'
_entity_poly.pdbx_seq_one_letter_code
;DLPRHIAVLCDGNRRWARSAGYDDVSYGYRMGAAKIAEMLRWCHEAGIELATVYLLSTENLQRDPDELAALIEIITDVVE
EICAPANHWSVRTVGDLGLIGEEPARRLRGAVESTPEVASFHVNVAVGYGGRREIVDAVRALLSKELANGATAEELVDAV
TVEGISENLYTSGQPDPDLVIRTSGEQRLSGFLLWQSAYSEMWFTEAHWPAFRHVDFLRALRDYSAR
;
_entity_poly.pdbx_strand_id   A,B
#
loop_
_chem_comp.id
_chem_comp.type
_chem_comp.name
_chem_comp.formula
GOL non-polymer GLYCEROL 'C3 H8 O3'
GPP non-polymer 'GERANYL DIPHOSPHATE' 'C10 H20 O7 P2'
#
# COMPACT_ATOMS: atom_id res chain seq x y z
N ASP A 1 -10.68 -18.28 -6.29
CA ASP A 1 -10.53 -18.06 -7.74
C ASP A 1 -11.00 -16.67 -8.13
N LEU A 2 -12.08 -16.22 -7.48
CA LEU A 2 -12.74 -14.95 -7.78
C LEU A 2 -12.56 -13.92 -6.67
N PRO A 3 -12.21 -12.67 -7.02
CA PRO A 3 -12.17 -11.68 -5.94
C PRO A 3 -13.52 -11.47 -5.29
N ARG A 4 -13.51 -11.24 -3.98
CA ARG A 4 -14.66 -10.75 -3.27
C ARG A 4 -14.85 -9.25 -3.50
N HIS A 5 -13.73 -8.53 -3.51
CA HIS A 5 -13.74 -7.08 -3.58
C HIS A 5 -12.68 -6.65 -4.58
N ILE A 6 -13.11 -5.99 -5.65
CA ILE A 6 -12.19 -5.40 -6.61
C ILE A 6 -12.20 -3.89 -6.46
N ALA A 7 -11.00 -3.32 -6.46
CA ALA A 7 -10.83 -1.87 -6.38
C ALA A 7 -10.19 -1.41 -7.68
N VAL A 8 -10.66 -0.26 -8.18
CA VAL A 8 -10.26 0.21 -9.50
C VAL A 8 -9.83 1.66 -9.41
N LEU A 9 -8.58 1.92 -9.82
CA LEU A 9 -8.09 3.29 -9.97
C LEU A 9 -8.21 3.64 -11.44
N CYS A 10 -9.03 4.64 -11.72
CA CYS A 10 -9.43 4.99 -13.08
C CYS A 10 -8.58 6.09 -13.73
N ASP A 11 -7.35 5.75 -14.05
CA ASP A 11 -6.38 6.70 -14.51
C ASP A 11 -6.38 6.84 -16.02
N GLY A 12 -5.95 8.01 -16.49
CA GLY A 12 -5.69 8.23 -17.91
C GLY A 12 -6.79 8.94 -18.66
N ASN A 13 -7.74 9.52 -17.95
CA ASN A 13 -8.88 10.16 -18.62
C ASN A 13 -8.45 11.36 -19.46
N ARG A 14 -7.55 12.17 -18.92
CA ARG A 14 -7.13 13.37 -19.65
C ARG A 14 -6.23 12.98 -20.80
N ARG A 15 -5.29 12.10 -20.55
CA ARG A 15 -4.42 11.58 -21.61
C ARG A 15 -5.22 10.96 -22.74
N TRP A 16 -6.27 10.23 -22.39
CA TRP A 16 -7.17 9.66 -23.38
C TRP A 16 -7.79 10.76 -24.26
N ALA A 17 -8.30 11.80 -23.61
CA ALA A 17 -8.95 12.90 -24.35
C ALA A 17 -7.94 13.56 -25.29
N ARG A 18 -6.74 13.84 -24.80
CA ARG A 18 -5.73 14.46 -25.64
C ARG A 18 -5.35 13.58 -26.84
N SER A 19 -5.22 12.29 -26.59
CA SER A 19 -4.83 11.33 -27.62
C SER A 19 -5.89 11.31 -28.70
N ALA A 20 -7.15 11.45 -28.29
CA ALA A 20 -8.29 11.48 -29.21
C ALA A 20 -8.46 12.81 -29.93
N GLY A 21 -7.66 13.81 -29.57
CA GLY A 21 -7.71 15.12 -30.22
C GLY A 21 -8.70 16.11 -29.63
N TYR A 22 -9.20 15.84 -28.42
CA TYR A 22 -10.15 16.74 -27.79
C TYR A 22 -9.39 17.81 -27.03
N ASP A 23 -9.88 19.05 -27.09
CA ASP A 23 -9.24 20.16 -26.36
C ASP A 23 -9.78 20.21 -24.94
N ASP A 24 -10.98 19.66 -24.76
CA ASP A 24 -11.65 19.68 -23.48
C ASP A 24 -11.50 18.31 -22.83
N VAL A 25 -10.75 18.22 -21.74
CA VAL A 25 -10.48 16.92 -21.13
C VAL A 25 -11.71 16.30 -20.49
N SER A 26 -12.76 17.09 -20.29
CA SER A 26 -14.01 16.52 -19.76
C SER A 26 -14.58 15.43 -20.69
N TYR A 27 -14.23 15.44 -21.98
CA TYR A 27 -14.60 14.34 -22.88
C TYR A 27 -14.03 13.04 -22.34
N GLY A 28 -12.82 13.11 -21.81
CA GLY A 28 -12.17 11.95 -21.16
C GLY A 28 -12.89 11.50 -19.92
N TYR A 29 -13.21 12.46 -19.06
CA TYR A 29 -13.94 12.11 -17.83
C TYR A 29 -15.32 11.52 -18.12
N ARG A 30 -15.99 12.02 -19.15
CA ARG A 30 -17.32 11.52 -19.49
C ARG A 30 -17.23 10.10 -20.02
N MET A 31 -16.21 9.80 -20.82
CA MET A 31 -16.04 8.44 -21.30
C MET A 31 -15.63 7.53 -20.15
N GLY A 32 -14.77 8.02 -19.27
CA GLY A 32 -14.42 7.25 -18.08
C GLY A 32 -15.64 6.93 -17.24
N ALA A 33 -16.54 7.90 -17.11
CA ALA A 33 -17.80 7.68 -16.38
C ALA A 33 -18.64 6.59 -17.03
N ALA A 34 -18.71 6.56 -18.36
CA ALA A 34 -19.39 5.46 -19.05
C ALA A 34 -18.76 4.11 -18.73
N LYS A 35 -17.43 4.07 -18.68
CA LYS A 35 -16.70 2.84 -18.37
C LYS A 35 -16.86 2.40 -16.92
N ILE A 36 -17.01 3.35 -16.01
CA ILE A 36 -17.31 2.99 -14.63
C ILE A 36 -18.62 2.22 -14.58
N ALA A 37 -19.64 2.75 -15.26
CA ALA A 37 -20.93 2.07 -15.30
C ALA A 37 -20.82 0.66 -15.88
N GLU A 38 -20.07 0.53 -16.97
CA GLU A 38 -19.84 -0.79 -17.57
C GLU A 38 -19.15 -1.75 -16.61
N MET A 39 -18.05 -1.29 -16.03
CA MET A 39 -17.22 -2.09 -15.14
C MET A 39 -18.05 -2.62 -13.98
N LEU A 40 -18.88 -1.77 -13.37
CA LEU A 40 -19.70 -2.21 -12.23
C LEU A 40 -20.70 -3.29 -12.65
N ARG A 41 -21.28 -3.16 -13.84
CA ARG A 41 -22.13 -4.22 -14.40
C ARG A 41 -21.38 -5.53 -14.57
N TRP A 42 -20.14 -5.46 -15.08
CA TRP A 42 -19.33 -6.64 -15.27
C TRP A 42 -19.07 -7.31 -13.93
N CYS A 43 -18.69 -6.50 -12.94
CA CYS A 43 -18.41 -6.98 -11.60
C CYS A 43 -19.61 -7.70 -11.01
N HIS A 44 -20.77 -7.05 -11.08
CA HIS A 44 -21.99 -7.65 -10.56
C HIS A 44 -22.26 -8.99 -11.24
N GLU A 45 -22.17 -9.02 -12.55
CA GLU A 45 -22.50 -10.21 -13.29
C GLU A 45 -21.49 -11.35 -13.13
N ALA A 46 -20.26 -11.00 -12.80
CA ALA A 46 -19.21 -11.97 -12.55
C ALA A 46 -19.27 -12.52 -11.12
N GLY A 47 -20.13 -11.94 -10.28
CA GLY A 47 -20.32 -12.45 -8.91
C GLY A 47 -19.38 -11.84 -7.91
N ILE A 48 -18.77 -10.72 -8.29
CA ILE A 48 -17.95 -9.93 -7.38
C ILE A 48 -18.89 -9.32 -6.34
N GLU A 49 -18.53 -9.37 -5.06
CA GLU A 49 -19.43 -8.90 -4.01
C GLU A 49 -19.40 -7.40 -3.78
N LEU A 50 -18.22 -6.81 -3.96
CA LEU A 50 -18.00 -5.40 -3.65
C LEU A 50 -17.01 -4.83 -4.65
N ALA A 51 -17.31 -3.66 -5.19
CA ALA A 51 -16.40 -2.95 -6.07
C ALA A 51 -16.20 -1.56 -5.51
N THR A 52 -14.95 -1.11 -5.47
CA THR A 52 -14.66 0.26 -5.09
C THR A 52 -14.06 0.97 -6.27
N VAL A 53 -14.61 2.12 -6.62
CA VAL A 53 -14.11 2.87 -7.76
C VAL A 53 -13.57 4.21 -7.27
N TYR A 54 -12.36 4.54 -7.72
CA TYR A 54 -11.70 5.77 -7.30
C TYR A 54 -12.11 6.89 -8.21
N LEU A 55 -13.02 7.73 -7.73
CA LEU A 55 -13.58 8.78 -8.55
C LEU A 55 -12.89 10.13 -8.34
N LEU A 56 -12.49 10.46 -7.13
CA LEU A 56 -11.90 11.76 -6.87
C LEU A 56 -10.95 11.71 -5.69
N SER A 57 -9.67 11.92 -5.97
CA SER A 57 -8.63 11.95 -4.96
C SER A 57 -8.52 13.34 -4.39
N THR A 58 -7.90 13.45 -3.22
CA THR A 58 -7.63 14.78 -2.69
C THR A 58 -6.67 15.55 -3.63
N GLU A 59 -5.75 14.86 -4.30
CA GLU A 59 -4.89 15.49 -5.32
C GLU A 59 -5.72 16.19 -6.39
N ASN A 60 -6.74 15.49 -6.89
CA ASN A 60 -7.59 16.02 -7.97
C ASN A 60 -8.23 17.35 -7.60
N LEU A 61 -8.46 17.53 -6.31
CA LEU A 61 -9.18 18.69 -5.79
C LEU A 61 -8.36 19.98 -5.84
N GLN A 62 -7.10 19.89 -6.23
CA GLN A 62 -6.22 21.06 -6.30
C GLN A 62 -6.22 21.71 -7.68
N ARG A 63 -6.97 21.15 -8.61
CA ARG A 63 -6.88 21.58 -10.00
C ARG A 63 -7.76 22.77 -10.32
N ASP A 64 -7.59 23.29 -11.54
CA ASP A 64 -8.33 24.44 -12.00
C ASP A 64 -9.78 24.35 -11.53
N PRO A 65 -10.27 25.38 -10.81
CA PRO A 65 -11.65 25.41 -10.33
C PRO A 65 -12.73 25.06 -11.35
N ASP A 66 -12.64 25.59 -12.57
CA ASP A 66 -13.67 25.35 -13.58
C ASP A 66 -13.64 23.90 -14.04
N GLU A 67 -12.44 23.43 -14.37
CA GLU A 67 -12.27 22.03 -14.75
C GLU A 67 -12.74 21.11 -13.62
N LEU A 68 -12.39 21.46 -12.40
CA LEU A 68 -12.75 20.66 -11.23
C LEU A 68 -14.26 20.60 -11.05
N ALA A 69 -14.92 21.73 -11.24
CA ALA A 69 -16.38 21.78 -11.09
C ALA A 69 -17.04 20.86 -12.09
N ALA A 70 -16.59 20.92 -13.35
CA ALA A 70 -17.09 20.06 -14.43
C ALA A 70 -16.89 18.58 -14.08
N LEU A 71 -15.70 18.26 -13.58
CA LEU A 71 -15.39 16.89 -13.18
C LEU A 71 -16.34 16.43 -12.07
N ILE A 72 -16.55 17.31 -11.10
CA ILE A 72 -17.40 16.93 -9.96
C ILE A 72 -18.83 16.70 -10.41
N GLU A 73 -19.28 17.47 -11.40
CA GLU A 73 -20.60 17.23 -11.96
C GLU A 73 -20.70 15.86 -12.65
N ILE A 74 -19.68 15.51 -13.43
CA ILE A 74 -19.61 14.19 -14.05
C ILE A 74 -19.63 13.09 -13.00
N ILE A 75 -18.86 13.26 -11.93
CA ILE A 75 -18.84 12.29 -10.84
C ILE A 75 -20.22 12.15 -10.19
N THR A 76 -20.88 13.27 -9.94
CA THR A 76 -22.19 13.24 -9.30
C THR A 76 -23.18 12.50 -10.19
N ASP A 77 -23.12 12.75 -11.50
CA ASP A 77 -23.92 12.00 -12.48
C ASP A 77 -23.63 10.49 -12.43
N VAL A 78 -22.35 10.14 -12.38
CA VAL A 78 -21.90 8.74 -12.25
C VAL A 78 -22.55 8.08 -11.04
N VAL A 79 -22.44 8.73 -9.89
CA VAL A 79 -22.99 8.14 -8.67
C VAL A 79 -24.52 8.02 -8.75
N GLU A 80 -25.17 9.03 -9.32
CA GLU A 80 -26.61 8.97 -9.45
C GLU A 80 -26.99 7.77 -10.33
N GLU A 81 -26.20 7.48 -11.37
CA GLU A 81 -26.40 6.29 -12.22
C GLU A 81 -26.16 5.00 -11.44
N ILE A 82 -25.09 4.97 -10.65
CA ILE A 82 -24.78 3.79 -9.82
C ILE A 82 -25.95 3.49 -8.87
N CYS A 83 -26.54 4.56 -8.36
CA CYS A 83 -27.62 4.44 -7.38
C CYS A 83 -29.01 4.23 -7.98
N ALA A 84 -29.10 4.05 -9.29
CA ALA A 84 -30.39 3.80 -9.95
C ALA A 84 -31.09 2.63 -9.29
N PRO A 85 -32.40 2.79 -8.93
CA PRO A 85 -33.10 1.75 -8.16
C PRO A 85 -33.22 0.39 -8.86
N ALA A 86 -33.19 0.39 -10.19
CA ALA A 86 -33.26 -0.88 -10.96
C ALA A 86 -32.04 -1.77 -10.73
N ASN A 87 -30.91 -1.17 -10.36
CA ASN A 87 -29.70 -1.94 -10.10
C ASN A 87 -29.80 -2.74 -8.79
N HIS A 88 -30.49 -2.18 -7.80
CA HIS A 88 -30.58 -2.77 -6.45
C HIS A 88 -29.21 -3.01 -5.85
N TRP A 89 -28.29 -2.09 -6.10
CA TRP A 89 -26.96 -2.15 -5.52
C TRP A 89 -26.93 -1.35 -4.23
N SER A 90 -26.13 -1.80 -3.28
CA SER A 90 -25.93 -1.07 -2.05
C SER A 90 -24.67 -0.22 -2.24
N VAL A 91 -24.78 1.07 -1.95
CA VAL A 91 -23.72 2.03 -2.25
C VAL A 91 -23.24 2.75 -0.99
N ARG A 92 -21.94 3.01 -0.94
CA ARG A 92 -21.33 3.73 0.17
C ARG A 92 -20.32 4.73 -0.36
N THR A 93 -20.32 5.93 0.21
CA THR A 93 -19.27 6.88 -0.06
C THR A 93 -18.04 6.59 0.81
N VAL A 94 -16.88 6.68 0.18
CA VAL A 94 -15.61 6.51 0.86
C VAL A 94 -14.82 7.81 0.58
N GLY A 95 -14.70 8.63 1.62
CA GLY A 95 -14.06 9.93 1.48
C GLY A 95 -14.90 11.05 2.07
N ASP A 96 -14.43 12.27 1.84
CA ASP A 96 -14.94 13.43 2.54
C ASP A 96 -15.71 14.32 1.57
N LEU A 97 -17.05 14.27 1.63
CA LEU A 97 -17.86 15.08 0.71
C LEU A 97 -17.82 16.54 1.11
N GLY A 98 -17.31 16.83 2.30
CA GLY A 98 -17.01 18.18 2.70
C GLY A 98 -16.02 18.90 1.80
N LEU A 99 -15.38 18.19 0.87
CA LEU A 99 -14.38 18.79 0.02
C LEU A 99 -14.87 19.12 -1.41
N ILE A 100 -16.09 18.72 -1.77
CA ILE A 100 -16.53 18.78 -3.18
C ILE A 100 -17.55 19.89 -3.49
N GLY A 101 -17.98 20.62 -2.45
CA GLY A 101 -19.00 21.64 -2.58
C GLY A 101 -20.32 21.09 -2.09
N GLU A 102 -21.14 21.96 -1.53
CA GLU A 102 -22.34 21.50 -0.85
C GLU A 102 -23.42 20.97 -1.76
N GLU A 103 -23.62 21.61 -2.91
CA GLU A 103 -24.66 21.14 -3.81
C GLU A 103 -24.34 19.73 -4.35
N PRO A 104 -23.11 19.50 -4.88
CA PRO A 104 -22.74 18.12 -5.22
C PRO A 104 -22.79 17.13 -4.05
N ALA A 105 -22.34 17.57 -2.87
CA ALA A 105 -22.39 16.70 -1.67
C ALA A 105 -23.83 16.26 -1.36
N ARG A 106 -24.78 17.20 -1.37
CA ARG A 106 -26.20 16.87 -1.16
C ARG A 106 -26.71 15.86 -2.19
N ARG A 107 -26.37 16.07 -3.46
CA ARG A 107 -26.82 15.18 -4.53
C ARG A 107 -26.23 13.80 -4.38
N LEU A 108 -24.93 13.73 -4.10
CA LEU A 108 -24.29 12.45 -3.87
C LEU A 108 -24.87 11.73 -2.69
N ARG A 109 -24.96 12.41 -1.56
CA ARG A 109 -25.50 11.79 -0.34
C ARG A 109 -26.91 11.30 -0.59
N GLY A 110 -27.73 12.13 -1.25
CA GLY A 110 -29.12 11.77 -1.53
C GLY A 110 -29.24 10.48 -2.32
N ALA A 111 -28.40 10.36 -3.34
CA ALA A 111 -28.35 9.18 -4.20
C ALA A 111 -27.93 7.95 -3.40
N VAL A 112 -26.83 8.07 -2.67
CA VAL A 112 -26.30 6.93 -1.92
C VAL A 112 -27.26 6.49 -0.82
N GLU A 113 -27.90 7.45 -0.18
CA GLU A 113 -28.84 7.14 0.90
C GLU A 113 -30.06 6.39 0.39
N SER A 114 -30.41 6.63 -0.87
CA SER A 114 -31.56 5.97 -1.50
C SER A 114 -31.35 4.49 -1.75
N THR A 115 -30.11 4.01 -1.63
CA THR A 115 -29.82 2.62 -1.96
C THR A 115 -30.01 1.72 -0.74
N PRO A 116 -30.31 0.43 -0.97
CA PRO A 116 -30.51 -0.47 0.16
C PRO A 116 -29.23 -0.71 0.94
N GLU A 117 -29.34 -0.94 2.24
CA GLU A 117 -28.17 -1.36 3.02
C GLU A 117 -27.80 -2.81 2.67
N VAL A 118 -28.80 -3.62 2.37
CA VAL A 118 -28.60 -5.04 2.07
C VAL A 118 -28.82 -5.34 0.59
N ALA A 119 -27.80 -5.89 -0.05
CA ALA A 119 -27.89 -6.23 -1.45
C ALA A 119 -26.85 -7.28 -1.81
N SER A 120 -27.03 -7.92 -2.96
CA SER A 120 -26.07 -8.90 -3.47
C SER A 120 -24.79 -8.24 -3.94
N PHE A 121 -24.90 -6.99 -4.39
CA PHE A 121 -23.73 -6.25 -4.89
C PHE A 121 -23.62 -4.89 -4.23
N HIS A 122 -22.40 -4.57 -3.84
CA HIS A 122 -22.09 -3.35 -3.14
C HIS A 122 -21.07 -2.56 -3.93
N VAL A 123 -21.24 -1.24 -3.94
CA VAL A 123 -20.31 -0.34 -4.62
C VAL A 123 -19.86 0.75 -3.67
N ASN A 124 -18.55 0.92 -3.56
CA ASN A 124 -18.00 2.04 -2.82
C ASN A 124 -17.57 3.06 -3.86
N VAL A 125 -17.97 4.32 -3.67
CA VAL A 125 -17.53 5.39 -4.53
C VAL A 125 -16.57 6.28 -3.72
N ALA A 126 -15.31 6.30 -4.13
CA ALA A 126 -14.28 7.03 -3.38
C ALA A 126 -14.22 8.43 -3.95
N VAL A 127 -14.68 9.39 -3.14
CA VAL A 127 -14.75 10.78 -3.51
C VAL A 127 -14.19 11.65 -2.42
N GLY A 128 -13.24 12.51 -2.76
CA GLY A 128 -12.56 13.34 -1.78
C GLY A 128 -11.77 12.47 -0.82
N TYR A 129 -11.02 11.55 -1.39
CA TYR A 129 -10.35 10.50 -0.65
C TYR A 129 -8.84 10.55 -0.68
N GLY A 130 -8.23 10.24 0.46
CA GLY A 130 -6.80 9.99 0.55
C GLY A 130 -6.56 8.90 1.59
N GLY A 131 -5.63 7.99 1.28
CA GLY A 131 -5.38 6.83 2.15
C GLY A 131 -4.76 7.15 3.50
N ARG A 132 -3.74 8.01 3.51
CA ARG A 132 -3.14 8.37 4.80
C ARG A 132 -4.14 9.18 5.61
N ARG A 133 -4.86 10.07 4.95
CA ARG A 133 -5.87 10.86 5.65
C ARG A 133 -6.92 9.96 6.25
N GLU A 134 -7.33 8.94 5.52
CA GLU A 134 -8.33 8.01 6.02
C GLU A 134 -7.88 7.38 7.33
N ILE A 135 -6.63 6.96 7.37
CA ILE A 135 -6.12 6.29 8.57
C ILE A 135 -6.13 7.27 9.74
N VAL A 136 -5.68 8.50 9.50
CA VAL A 136 -5.69 9.51 10.54
C VAL A 136 -7.11 9.74 11.05
N ASP A 137 -8.06 9.91 10.13
CA ASP A 137 -9.44 10.11 10.52
C ASP A 137 -10.04 8.90 11.25
N ALA A 138 -9.62 7.69 10.90
CA ALA A 138 -10.02 6.47 11.63
C ALA A 138 -9.51 6.50 13.06
N VAL A 139 -8.23 6.84 13.22
CA VAL A 139 -7.64 6.95 14.55
C VAL A 139 -8.39 8.01 15.39
N ARG A 140 -8.68 9.16 14.80
CA ARG A 140 -9.37 10.24 15.51
C ARG A 140 -10.76 9.75 15.94
N ALA A 141 -11.46 9.05 15.06
CA ALA A 141 -12.77 8.49 15.38
C ALA A 141 -12.70 7.47 16.52
N LEU A 142 -11.70 6.59 16.45
CA LEU A 142 -11.46 5.60 17.45
C LEU A 142 -11.27 6.24 18.83
N LEU A 143 -10.42 7.25 18.88
CA LEU A 143 -10.06 7.91 20.12
C LEU A 143 -11.22 8.71 20.68
N SER A 144 -11.93 9.38 19.78
CA SER A 144 -13.15 10.10 20.14
C SER A 144 -14.17 9.20 20.84
N LYS A 145 -14.43 8.02 20.26
CA LYS A 145 -15.30 7.02 20.87
C LYS A 145 -14.82 6.56 22.25
N GLU A 146 -13.52 6.31 22.36
CA GLU A 146 -12.96 5.85 23.64
C GLU A 146 -13.12 6.92 24.70
N LEU A 147 -12.89 8.18 24.33
CA LEU A 147 -13.06 9.30 25.26
C LEU A 147 -14.52 9.35 25.72
N ALA A 148 -15.45 9.27 24.77
CA ALA A 148 -16.88 9.26 25.08
C ALA A 148 -17.25 8.13 26.05
N ASN A 149 -16.57 7.00 25.91
CA ASN A 149 -16.75 5.86 26.80
C ASN A 149 -16.04 5.97 28.15
N GLY A 150 -15.39 7.10 28.42
CA GLY A 150 -14.75 7.36 29.70
C GLY A 150 -13.28 6.97 29.77
N ALA A 151 -12.63 6.82 28.62
CA ALA A 151 -11.22 6.50 28.59
C ALA A 151 -10.41 7.64 29.21
N THR A 152 -9.38 7.27 29.96
CA THR A 152 -8.41 8.24 30.47
C THR A 152 -7.41 8.52 29.37
N ALA A 153 -6.63 9.58 29.55
CA ALA A 153 -5.58 9.92 28.62
C ALA A 153 -4.62 8.75 28.42
N GLU A 154 -4.19 8.11 29.51
CA GLU A 154 -3.22 7.00 29.38
C GLU A 154 -3.88 5.78 28.69
N GLU A 155 -5.19 5.60 28.88
CA GLU A 155 -5.91 4.56 28.16
C GLU A 155 -6.01 4.88 26.66
N LEU A 156 -6.17 6.15 26.32
CA LEU A 156 -6.18 6.54 24.91
C LEU A 156 -4.84 6.22 24.27
N VAL A 157 -3.74 6.38 25.01
CA VAL A 157 -2.40 6.06 24.46
C VAL A 157 -2.31 4.59 24.01
N ASP A 158 -3.01 3.69 24.71
CA ASP A 158 -3.01 2.24 24.42
C ASP A 158 -4.22 1.70 23.64
N ALA A 159 -5.23 2.54 23.40
CA ALA A 159 -6.48 2.08 22.79
C ALA A 159 -6.33 1.70 21.32
N VAL A 160 -5.37 2.30 20.62
CA VAL A 160 -5.25 2.12 19.19
C VAL A 160 -4.68 0.74 18.90
N THR A 161 -5.40 -0.02 18.09
CA THR A 161 -4.99 -1.35 17.68
C THR A 161 -5.22 -1.50 16.17
N VAL A 162 -4.65 -2.51 15.56
CA VAL A 162 -4.87 -2.76 14.13
C VAL A 162 -6.36 -2.91 13.86
N GLU A 163 -7.03 -3.69 14.71
CA GLU A 163 -8.44 -3.97 14.53
C GLU A 163 -9.28 -2.70 14.74
N GLY A 164 -8.92 -1.90 15.74
CA GLY A 164 -9.58 -0.61 16.01
C GLY A 164 -9.50 0.36 14.85
N ILE A 165 -8.34 0.44 14.20
CA ILE A 165 -8.22 1.25 13.00
C ILE A 165 -9.12 0.70 11.87
N SER A 166 -9.02 -0.60 11.59
CA SER A 166 -9.82 -1.20 10.53
C SER A 166 -11.31 -0.90 10.71
N GLU A 167 -11.78 -0.97 11.94
CA GLU A 167 -13.20 -0.81 12.29
C GLU A 167 -13.68 0.65 12.13
N ASN A 168 -12.72 1.57 12.07
CA ASN A 168 -13.02 2.97 11.94
C ASN A 168 -12.70 3.62 10.60
N LEU A 169 -12.26 2.82 9.63
CA LEU A 169 -12.08 3.33 8.27
C LEU A 169 -13.43 3.56 7.59
N TYR A 170 -13.40 4.18 6.43
CA TYR A 170 -14.63 4.34 5.63
C TYR A 170 -15.26 3.01 5.27
N THR A 171 -14.40 2.00 5.17
CA THR A 171 -14.73 0.67 4.72
C THR A 171 -14.99 -0.27 5.88
N SER A 172 -15.29 0.30 7.05
CA SER A 172 -15.61 -0.49 8.23
C SER A 172 -16.58 -1.59 7.88
N GLY A 173 -16.27 -2.81 8.31
CA GLY A 173 -17.15 -3.94 8.14
C GLY A 173 -17.16 -4.60 6.77
N GLN A 174 -16.31 -4.12 5.86
CA GLN A 174 -16.21 -4.69 4.51
C GLN A 174 -14.97 -5.52 4.36
N PRO A 175 -15.00 -6.51 3.46
CA PRO A 175 -13.80 -7.28 3.19
C PRO A 175 -12.79 -6.38 2.50
N ASP A 176 -11.52 -6.60 2.78
CA ASP A 176 -10.47 -5.83 2.09
C ASP A 176 -10.46 -6.17 0.59
N PRO A 177 -9.96 -5.24 -0.22
CA PRO A 177 -9.87 -5.54 -1.66
C PRO A 177 -8.91 -6.71 -1.90
N ASP A 178 -9.34 -7.65 -2.73
CA ASP A 178 -8.51 -8.78 -3.12
C ASP A 178 -7.67 -8.42 -4.34
N LEU A 179 -8.19 -7.51 -5.18
CA LEU A 179 -7.59 -7.19 -6.44
C LEU A 179 -7.74 -5.70 -6.65
N VAL A 180 -6.65 -5.05 -7.02
CA VAL A 180 -6.63 -3.63 -7.30
C VAL A 180 -6.16 -3.47 -8.74
N ILE A 181 -6.98 -2.83 -9.57
CA ILE A 181 -6.72 -2.65 -10.99
C ILE A 181 -6.32 -1.20 -11.20
N ARG A 182 -5.21 -0.98 -11.88
CA ARG A 182 -4.83 0.37 -12.26
C ARG A 182 -4.53 0.41 -13.75
N THR A 183 -4.94 1.50 -14.38
CA THR A 183 -4.78 1.64 -15.82
C THR A 183 -3.69 2.67 -16.15
N SER A 184 -3.51 2.91 -17.44
CA SER A 184 -2.56 3.91 -17.96
C SER A 184 -1.12 3.55 -17.69
N GLY A 185 -0.86 2.27 -17.45
CA GLY A 185 0.49 1.81 -17.24
C GLY A 185 1.10 2.33 -15.95
N GLU A 186 0.29 2.93 -15.08
CA GLU A 186 0.78 3.50 -13.82
C GLU A 186 0.99 2.33 -12.87
N GLN A 187 2.21 2.17 -12.40
CA GLN A 187 2.53 1.18 -11.39
C GLN A 187 3.01 1.90 -10.15
N ARG A 188 2.63 3.17 -9.99
CA ARG A 188 2.92 3.91 -8.77
C ARG A 188 1.86 3.35 -7.80
N LEU A 189 1.46 4.02 -6.71
CA LEU A 189 0.46 3.42 -5.77
C LEU A 189 -0.79 4.30 -5.37
N SER A 190 -0.43 5.50 -5.01
CA SER A 190 -1.29 6.61 -4.81
C SER A 190 -2.17 6.52 -3.58
N GLY A 191 -1.87 5.58 -2.70
CA GLY A 191 -2.51 5.54 -1.38
C GLY A 191 -3.99 5.15 -1.38
N PHE A 192 -4.48 4.60 -2.49
CA PHE A 192 -5.90 4.28 -2.60
C PHE A 192 -6.15 3.07 -1.74
N LEU A 193 -7.08 3.18 -0.79
CA LEU A 193 -7.37 2.11 0.15
C LEU A 193 -6.08 1.61 0.73
N LEU A 194 -5.26 2.55 1.19
CA LEU A 194 -3.91 2.26 1.66
C LEU A 194 -3.88 1.16 2.71
N TRP A 195 -4.64 1.34 3.77
CA TRP A 195 -4.66 0.35 4.86
C TRP A 195 -5.22 -0.98 4.37
N GLN A 196 -6.34 -0.89 3.65
CA GLN A 196 -7.14 -2.04 3.32
C GLN A 196 -6.45 -2.93 2.27
N SER A 197 -5.66 -2.31 1.40
CA SER A 197 -5.05 -3.03 0.28
C SER A 197 -3.65 -3.59 0.57
N ALA A 198 -3.29 -3.61 1.85
CA ALA A 198 -1.96 -4.05 2.27
C ALA A 198 -1.58 -5.42 1.72
N TYR A 199 -2.56 -6.31 1.52
CA TYR A 199 -2.32 -7.68 1.06
C TYR A 199 -3.04 -8.01 -0.27
N SER A 200 -3.38 -6.96 -1.01
CA SER A 200 -4.09 -7.10 -2.27
C SER A 200 -3.20 -7.47 -3.46
N GLU A 201 -3.77 -8.24 -4.38
CA GLU A 201 -3.15 -8.44 -5.68
C GLU A 201 -3.28 -7.18 -6.50
N MET A 202 -2.20 -6.80 -7.17
CA MET A 202 -2.20 -5.63 -8.06
C MET A 202 -2.24 -6.12 -9.50
N TRP A 203 -3.00 -5.44 -10.34
CA TRP A 203 -3.07 -5.78 -11.74
C TRP A 203 -3.05 -4.50 -12.56
N PHE A 204 -2.26 -4.50 -13.63
CA PHE A 204 -2.01 -3.29 -14.39
C PHE A 204 -2.30 -3.50 -15.88
N THR A 205 -2.80 -2.46 -16.51
CA THR A 205 -2.91 -2.43 -17.96
C THR A 205 -2.38 -1.10 -18.47
N GLU A 206 -1.87 -1.12 -19.70
CA GLU A 206 -1.38 0.10 -20.33
C GLU A 206 -2.51 1.03 -20.80
N ALA A 207 -3.67 0.45 -21.07
CA ALA A 207 -4.81 1.17 -21.59
C ALA A 207 -5.23 2.25 -20.62
N HIS A 208 -5.54 3.45 -21.13
CA HIS A 208 -6.16 4.48 -20.30
C HIS A 208 -7.56 4.07 -19.91
N TRP A 209 -8.05 4.60 -18.80
CA TRP A 209 -9.32 4.15 -18.25
C TRP A 209 -10.50 4.23 -19.23
N PRO A 210 -10.65 5.35 -19.95
CA PRO A 210 -11.77 5.41 -20.91
C PRO A 210 -11.71 4.35 -22.01
N ALA A 211 -10.54 3.76 -22.21
CA ALA A 211 -10.31 2.71 -23.21
C ALA A 211 -10.43 1.31 -22.66
N PHE A 212 -10.72 1.19 -21.37
CA PHE A 212 -10.77 -0.11 -20.70
C PHE A 212 -11.90 -0.95 -21.25
N ARG A 213 -11.61 -2.19 -21.61
CA ARG A 213 -12.60 -3.04 -22.26
C ARG A 213 -13.02 -4.21 -21.40
N HIS A 214 -14.17 -4.79 -21.73
CA HIS A 214 -14.65 -5.95 -21.04
C HIS A 214 -13.58 -7.04 -21.12
N VAL A 215 -12.88 -7.17 -22.25
CA VAL A 215 -11.86 -8.22 -22.34
C VAL A 215 -10.66 -7.94 -21.42
N ASP A 216 -10.39 -6.66 -21.14
CA ASP A 216 -9.35 -6.32 -20.16
C ASP A 216 -9.80 -6.76 -18.76
N PHE A 217 -11.07 -6.54 -18.43
CA PHE A 217 -11.64 -7.07 -17.18
C PHE A 217 -11.51 -8.59 -17.11
N LEU A 218 -11.80 -9.26 -18.21
CA LEU A 218 -11.66 -10.71 -18.25
C LEU A 218 -10.23 -11.15 -17.98
N ARG A 219 -9.27 -10.45 -18.58
CA ARG A 219 -7.85 -10.76 -18.36
C ARG A 219 -7.49 -10.58 -16.88
N ALA A 220 -7.94 -9.47 -16.29
CA ALA A 220 -7.70 -9.23 -14.85
C ALA A 220 -8.17 -10.39 -13.98
N LEU A 221 -9.38 -10.85 -14.24
CA LEU A 221 -9.93 -11.98 -13.48
C LEU A 221 -9.16 -13.27 -13.75
N ARG A 222 -8.76 -13.48 -15.00
CA ARG A 222 -7.99 -14.66 -15.37
C ARG A 222 -6.62 -14.65 -14.70
N ASP A 223 -5.97 -13.49 -14.71
CA ASP A 223 -4.66 -13.33 -14.05
C ASP A 223 -4.81 -13.55 -12.54
N TYR A 224 -5.84 -12.95 -11.96
CA TYR A 224 -6.09 -13.12 -10.52
C TYR A 224 -6.28 -14.60 -10.16
N SER A 225 -7.07 -15.31 -10.96
CA SER A 225 -7.35 -16.72 -10.72
C SER A 225 -6.05 -17.53 -10.78
N ALA A 226 -5.23 -17.24 -11.77
CA ALA A 226 -3.96 -17.94 -11.98
C ALA A 226 -2.97 -17.75 -10.80
N ARG A 227 -3.06 -16.62 -10.11
CA ARG A 227 -2.16 -16.35 -9.00
C ARG A 227 -2.54 -17.16 -7.75
N ASP B 1 15.14 10.33 -11.71
CA ASP B 1 16.39 9.70 -12.25
C ASP B 1 16.74 8.46 -11.41
N LEU B 2 17.51 8.65 -10.33
CA LEU B 2 17.90 7.58 -9.42
C LEU B 2 16.96 7.58 -8.23
N PRO B 3 16.43 6.40 -7.83
CA PRO B 3 15.69 6.40 -6.58
C PRO B 3 16.59 6.83 -5.44
N ARG B 4 16.05 7.59 -4.50
CA ARG B 4 16.75 7.87 -3.26
C ARG B 4 16.71 6.65 -2.35
N HIS B 5 15.56 5.99 -2.34
CA HIS B 5 15.31 4.86 -1.44
C HIS B 5 14.69 3.74 -2.29
N ILE B 6 15.36 2.59 -2.34
CA ILE B 6 14.82 1.42 -2.98
C ILE B 6 14.46 0.41 -1.90
N ALA B 7 13.29 -0.20 -2.04
CA ALA B 7 12.83 -1.24 -1.15
C ALA B 7 12.74 -2.54 -1.93
N VAL B 8 13.19 -3.63 -1.30
CA VAL B 8 13.29 -4.90 -2.01
C VAL B 8 12.59 -6.00 -1.23
N LEU B 9 11.64 -6.64 -1.89
CA LEU B 9 10.94 -7.80 -1.37
C LEU B 9 11.53 -8.97 -2.15
N CYS B 10 12.24 -9.78 -1.41
CA CYS B 10 13.07 -10.83 -1.95
C CYS B 10 12.24 -12.09 -2.06
N ASP B 11 11.27 -12.08 -2.96
CA ASP B 11 10.35 -13.20 -3.04
C ASP B 11 10.89 -14.29 -3.94
N GLY B 12 10.48 -15.52 -3.65
CA GLY B 12 10.76 -16.63 -4.55
C GLY B 12 11.94 -17.51 -4.14
N ASN B 13 12.42 -17.41 -2.91
CA ASN B 13 13.59 -18.20 -2.52
C ASN B 13 13.30 -19.69 -2.49
N ARG B 14 12.18 -20.05 -1.88
CA ARG B 14 11.78 -21.45 -1.82
C ARG B 14 11.43 -21.97 -3.21
N ARG B 15 10.65 -21.19 -3.95
CA ARG B 15 10.22 -21.57 -5.30
C ARG B 15 11.40 -21.76 -6.24
N TRP B 16 12.39 -20.88 -6.11
CA TRP B 16 13.60 -21.01 -6.89
C TRP B 16 14.28 -22.36 -6.62
N ALA B 17 14.40 -22.70 -5.33
CA ALA B 17 15.04 -23.94 -4.91
C ALA B 17 14.27 -25.13 -5.47
N ARG B 18 12.97 -25.15 -5.23
CA ARG B 18 12.06 -26.20 -5.73
C ARG B 18 12.16 -26.33 -7.25
N SER B 19 12.12 -25.20 -7.96
CA SER B 19 12.25 -25.20 -9.42
C SER B 19 13.60 -25.74 -9.91
N ALA B 20 14.65 -25.52 -9.14
CA ALA B 20 16.00 -25.99 -9.48
C ALA B 20 16.32 -27.38 -8.92
N GLY B 21 15.31 -28.09 -8.43
CA GLY B 21 15.48 -29.46 -7.94
C GLY B 21 16.17 -29.63 -6.60
N TYR B 22 16.08 -28.63 -5.73
CA TYR B 22 16.63 -28.76 -4.37
C TYR B 22 15.59 -29.30 -3.40
N ASP B 23 15.90 -30.41 -2.76
CA ASP B 23 15.00 -30.99 -1.76
C ASP B 23 14.87 -30.05 -0.57
N ASP B 24 15.98 -29.47 -0.15
CA ASP B 24 15.97 -28.61 1.02
C ASP B 24 15.90 -27.13 0.60
N VAL B 25 14.75 -26.52 0.81
CA VAL B 25 14.49 -25.16 0.31
C VAL B 25 15.13 -24.06 1.16
N SER B 26 15.65 -24.41 2.34
CA SER B 26 16.55 -23.52 3.09
C SER B 26 17.69 -23.05 2.18
N TYR B 27 18.07 -23.92 1.26
CA TYR B 27 19.12 -23.58 0.32
C TYR B 27 18.73 -22.35 -0.49
N GLY B 28 17.46 -22.22 -0.86
CA GLY B 28 16.98 -21.02 -1.49
C GLY B 28 17.27 -19.78 -0.67
N TYR B 29 17.10 -19.87 0.65
CA TYR B 29 17.33 -18.72 1.50
C TYR B 29 18.81 -18.34 1.51
N ARG B 30 19.67 -19.34 1.43
CA ARG B 30 21.11 -19.08 1.43
C ARG B 30 21.53 -18.42 0.14
N MET B 31 20.97 -18.87 -0.98
CA MET B 31 21.24 -18.23 -2.24
C MET B 31 20.66 -16.82 -2.25
N GLY B 32 19.46 -16.67 -1.68
CA GLY B 32 18.88 -15.36 -1.55
C GLY B 32 19.68 -14.40 -0.69
N ALA B 33 20.28 -14.92 0.38
CA ALA B 33 21.11 -14.13 1.27
C ALA B 33 22.33 -13.59 0.53
N ALA B 34 22.97 -14.43 -0.27
CA ALA B 34 24.11 -13.98 -1.06
C ALA B 34 23.66 -12.86 -1.99
N LYS B 35 22.47 -13.01 -2.56
CA LYS B 35 21.95 -12.01 -3.48
C LYS B 35 21.64 -10.70 -2.80
N ILE B 36 21.16 -10.74 -1.57
CA ILE B 36 20.92 -9.50 -0.81
C ILE B 36 22.21 -8.69 -0.69
N ALA B 37 23.30 -9.34 -0.28
CA ALA B 37 24.56 -8.68 -0.17
C ALA B 37 24.97 -8.04 -1.49
N GLU B 38 24.82 -8.79 -2.58
CA GLU B 38 25.19 -8.26 -3.90
C GLU B 38 24.31 -7.08 -4.31
N MET B 39 23.02 -7.21 -4.08
CA MET B 39 22.08 -6.14 -4.43
C MET B 39 22.46 -4.87 -3.71
N LEU B 40 22.81 -4.99 -2.43
CA LEU B 40 23.13 -3.80 -1.65
C LEU B 40 24.40 -3.15 -2.19
N ARG B 41 25.38 -3.96 -2.56
CA ARG B 41 26.59 -3.47 -3.23
C ARG B 41 26.20 -2.70 -4.49
N TRP B 42 25.34 -3.27 -5.31
CA TRP B 42 24.92 -2.60 -6.55
C TRP B 42 24.27 -1.28 -6.23
N CYS B 43 23.43 -1.26 -5.21
CA CYS B 43 22.76 -0.02 -4.80
C CYS B 43 23.75 1.04 -4.39
N HIS B 44 24.68 0.65 -3.55
CA HIS B 44 25.70 1.58 -3.06
C HIS B 44 26.49 2.13 -4.24
N GLU B 45 26.96 1.24 -5.10
CA GLU B 45 27.81 1.64 -6.24
C GLU B 45 27.08 2.54 -7.25
N ALA B 46 25.77 2.33 -7.35
CA ALA B 46 24.91 3.08 -8.27
C ALA B 46 24.52 4.44 -7.72
N GLY B 47 24.76 4.66 -6.43
CA GLY B 47 24.52 5.94 -5.79
C GLY B 47 23.17 6.08 -5.15
N ILE B 48 22.51 4.94 -4.90
CA ILE B 48 21.26 4.92 -4.15
C ILE B 48 21.60 5.23 -2.71
N GLU B 49 20.83 6.10 -2.08
CA GLU B 49 21.16 6.53 -0.71
C GLU B 49 20.72 5.57 0.40
N LEU B 50 19.59 4.91 0.18
CA LEU B 50 18.98 4.05 1.20
C LEU B 50 18.35 2.87 0.51
N ALA B 51 18.56 1.69 1.07
CA ALA B 51 17.88 0.48 0.63
C ALA B 51 17.24 -0.19 1.83
N THR B 52 16.02 -0.64 1.65
CA THR B 52 15.34 -1.45 2.63
C THR B 52 15.12 -2.85 2.07
N VAL B 53 15.52 -3.85 2.83
CA VAL B 53 15.40 -5.24 2.41
C VAL B 53 14.48 -5.98 3.36
N TYR B 54 13.50 -6.67 2.80
CA TYR B 54 12.52 -7.39 3.60
C TYR B 54 13.10 -8.75 3.93
N LEU B 55 13.44 -8.95 5.19
CA LEU B 55 14.08 -10.19 5.62
C LEU B 55 13.12 -11.14 6.32
N LEU B 56 12.24 -10.61 7.17
CA LEU B 56 11.33 -11.44 7.95
C LEU B 56 10.06 -10.68 8.32
N SER B 57 8.94 -11.17 7.81
CA SER B 57 7.66 -10.59 8.11
C SER B 57 7.13 -11.28 9.35
N THR B 58 6.12 -10.68 9.96
CA THR B 58 5.43 -11.31 11.09
C THR B 58 4.74 -12.61 10.63
N GLU B 59 4.36 -12.69 9.35
CA GLU B 59 3.86 -13.95 8.77
C GLU B 59 4.92 -15.06 8.77
N ASN B 60 6.07 -14.78 8.16
CA ASN B 60 7.19 -15.73 8.02
C ASN B 60 7.56 -16.51 9.28
N LEU B 61 7.21 -15.93 10.43
CA LEU B 61 7.54 -16.49 11.74
C LEU B 61 6.62 -17.63 12.19
N GLN B 62 5.74 -18.07 11.29
CA GLN B 62 4.84 -19.20 11.58
C GLN B 62 5.12 -20.39 10.64
N ARG B 63 6.34 -20.43 10.10
CA ARG B 63 6.83 -21.59 9.34
C ARG B 63 7.21 -22.75 10.26
N ASP B 64 7.43 -23.90 9.63
CA ASP B 64 8.09 -25.06 10.24
C ASP B 64 9.35 -24.65 11.03
N PRO B 65 9.49 -25.13 12.28
CA PRO B 65 10.63 -24.71 13.12
C PRO B 65 12.03 -24.94 12.54
N ASP B 66 12.24 -26.04 11.82
CA ASP B 66 13.55 -26.34 11.22
C ASP B 66 13.88 -25.33 10.13
N GLU B 67 12.86 -25.01 9.34
CA GLU B 67 13.00 -24.05 8.27
C GLU B 67 13.15 -22.68 8.86
N LEU B 68 12.32 -22.34 9.83
CA LEU B 68 12.40 -21.02 10.49
C LEU B 68 13.74 -20.85 11.19
N ALA B 69 14.23 -21.91 11.84
CA ALA B 69 15.56 -21.87 12.50
C ALA B 69 16.66 -21.56 11.50
N ALA B 70 16.65 -22.25 10.37
CA ALA B 70 17.63 -22.01 9.32
C ALA B 70 17.48 -20.58 8.82
N LEU B 71 16.25 -20.18 8.52
CA LEU B 71 16.02 -18.83 8.03
C LEU B 71 16.53 -17.75 8.98
N ILE B 72 16.24 -17.90 10.27
CA ILE B 72 16.66 -16.90 11.26
C ILE B 72 18.20 -16.80 11.36
N GLU B 73 18.86 -17.96 11.32
CA GLU B 73 20.32 -17.98 11.30
C GLU B 73 20.86 -17.31 10.06
N ILE B 74 20.24 -17.58 8.91
CA ILE B 74 20.68 -17.01 7.65
C ILE B 74 20.48 -15.49 7.67
N ILE B 75 19.33 -15.04 8.17
CA ILE B 75 19.06 -13.61 8.28
C ILE B 75 20.08 -12.95 9.19
N THR B 76 20.44 -13.63 10.28
CA THR B 76 21.43 -13.08 11.22
C THR B 76 22.77 -12.91 10.54
N ASP B 77 23.19 -13.92 9.76
CA ASP B 77 24.41 -13.85 8.96
C ASP B 77 24.36 -12.69 7.98
N VAL B 78 23.24 -12.56 7.27
CA VAL B 78 23.02 -11.48 6.29
C VAL B 78 23.24 -10.13 6.94
N VAL B 79 22.60 -9.93 8.09
CA VAL B 79 22.73 -8.67 8.81
C VAL B 79 24.15 -8.43 9.31
N GLU B 80 24.78 -9.46 9.86
CA GLU B 80 26.17 -9.34 10.27
C GLU B 80 27.06 -8.90 9.08
N GLU B 81 26.85 -9.49 7.90
CA GLU B 81 27.59 -9.10 6.70
C GLU B 81 27.30 -7.64 6.30
N ILE B 82 26.04 -7.26 6.30
CA ILE B 82 25.64 -5.88 5.96
C ILE B 82 26.33 -4.90 6.93
N CYS B 83 26.49 -5.32 8.18
CA CYS B 83 27.03 -4.47 9.25
C CYS B 83 28.55 -4.51 9.37
N ALA B 84 29.21 -5.28 8.48
CA ALA B 84 30.64 -5.44 8.55
C ALA B 84 31.32 -4.07 8.46
N PRO B 85 32.28 -3.79 9.36
CA PRO B 85 32.94 -2.49 9.37
C PRO B 85 33.49 -2.03 8.01
N ALA B 86 33.97 -2.98 7.19
CA ALA B 86 34.54 -2.67 5.89
C ALA B 86 33.54 -2.03 4.93
N ASN B 87 32.25 -2.29 5.15
CA ASN B 87 31.22 -1.63 4.33
C ASN B 87 31.05 -0.15 4.64
N HIS B 88 31.23 0.21 5.91
CA HIS B 88 30.94 1.55 6.41
C HIS B 88 29.54 1.99 6.04
N TRP B 89 28.58 1.06 6.12
CA TRP B 89 27.16 1.35 5.86
C TRP B 89 26.45 1.64 7.17
N SER B 90 25.52 2.58 7.14
CA SER B 90 24.69 2.88 8.32
C SER B 90 23.46 1.99 8.26
N VAL B 91 23.23 1.23 9.31
CA VAL B 91 22.16 0.22 9.32
C VAL B 91 21.12 0.54 10.40
N ARG B 92 19.87 0.21 10.10
CA ARG B 92 18.77 0.40 11.04
C ARG B 92 17.87 -0.82 10.94
N THR B 93 17.40 -1.30 12.09
CA THR B 93 16.40 -2.36 12.14
C THR B 93 15.00 -1.77 12.00
N VAL B 94 14.22 -2.32 11.07
CA VAL B 94 12.86 -1.89 10.81
C VAL B 94 11.99 -3.08 11.16
N GLY B 95 11.39 -3.03 12.33
CA GLY B 95 10.61 -4.14 12.84
C GLY B 95 10.91 -4.46 14.29
N ASP B 96 10.29 -5.52 14.78
CA ASP B 96 10.29 -5.85 16.19
C ASP B 96 11.14 -7.09 16.38
N LEU B 97 12.37 -6.91 16.84
CA LEU B 97 13.25 -8.06 17.10
C LEU B 97 12.76 -8.97 18.20
N GLY B 98 11.80 -8.52 19.01
CA GLY B 98 11.16 -9.38 19.99
C GLY B 98 10.45 -10.57 19.39
N LEU B 99 10.18 -10.51 18.09
CA LEU B 99 9.54 -11.61 17.39
C LEU B 99 10.48 -12.72 16.87
N ILE B 100 11.81 -12.54 16.92
CA ILE B 100 12.75 -13.57 16.38
C ILE B 100 13.53 -14.42 17.39
N GLY B 101 13.27 -14.27 18.68
CA GLY B 101 13.99 -15.05 19.66
C GLY B 101 15.13 -14.27 20.29
N GLU B 102 15.39 -14.52 21.56
CA GLU B 102 16.34 -13.69 22.32
C GLU B 102 17.76 -13.73 21.76
N GLU B 103 18.25 -14.91 21.43
CA GLU B 103 19.64 -15.02 21.02
C GLU B 103 19.91 -14.39 19.65
N PRO B 104 19.08 -14.71 18.63
CA PRO B 104 19.21 -13.99 17.35
C PRO B 104 19.02 -12.47 17.49
N ALA B 105 18.05 -12.07 18.31
CA ALA B 105 17.79 -10.63 18.55
C ALA B 105 19.03 -9.94 19.10
N ARG B 106 19.70 -10.60 20.03
CA ARG B 106 20.95 -10.10 20.61
C ARG B 106 22.02 -9.88 19.53
N ARG B 107 22.15 -10.87 18.65
CA ARG B 107 23.17 -10.81 17.58
C ARG B 107 22.87 -9.71 16.58
N LEU B 108 21.60 -9.61 16.19
CA LEU B 108 21.17 -8.62 15.23
C LEU B 108 21.35 -7.22 15.78
N ARG B 109 20.91 -7.01 17.01
CA ARG B 109 21.02 -5.70 17.62
C ARG B 109 22.49 -5.30 17.75
N GLY B 110 23.34 -6.24 18.14
CA GLY B 110 24.76 -5.96 18.31
C GLY B 110 25.38 -5.51 17.00
N ALA B 111 25.03 -6.21 15.93
CA ALA B 111 25.55 -5.89 14.61
C ALA B 111 25.09 -4.51 14.19
N VAL B 112 23.80 -4.26 14.30
CA VAL B 112 23.24 -3.00 13.81
C VAL B 112 23.78 -1.82 14.62
N GLU B 113 23.88 -1.99 15.93
CA GLU B 113 24.42 -0.94 16.79
C GLU B 113 25.87 -0.58 16.52
N SER B 114 26.62 -1.52 15.94
CA SER B 114 28.03 -1.33 15.64
C SER B 114 28.27 -0.47 14.41
N THR B 115 27.22 -0.19 13.64
CA THR B 115 27.37 0.53 12.39
C THR B 115 27.34 2.03 12.65
N PRO B 116 27.97 2.81 11.75
CA PRO B 116 28.02 4.24 11.93
C PRO B 116 26.66 4.89 11.80
N GLU B 117 26.43 5.98 12.51
CA GLU B 117 25.19 6.74 12.34
C GLU B 117 25.22 7.53 11.02
N VAL B 118 26.38 8.03 10.65
CA VAL B 118 26.55 8.81 9.42
C VAL B 118 27.39 8.04 8.42
N ALA B 119 26.85 7.89 7.22
CA ALA B 119 27.53 7.14 6.19
C ALA B 119 26.91 7.54 4.86
N SER B 120 27.59 7.24 3.77
CA SER B 120 27.06 7.59 2.46
C SER B 120 25.96 6.63 2.01
N PHE B 121 25.95 5.42 2.53
CA PHE B 121 24.92 4.44 2.17
C PHE B 121 24.26 3.90 3.43
N HIS B 122 22.94 3.79 3.39
CA HIS B 122 22.14 3.37 4.52
C HIS B 122 21.33 2.16 4.14
N VAL B 123 21.25 1.20 5.05
CA VAL B 123 20.47 -0.01 4.84
C VAL B 123 19.51 -0.23 5.99
N ASN B 124 18.22 -0.37 5.67
CA ASN B 124 17.21 -0.80 6.61
C ASN B 124 17.03 -2.31 6.46
N VAL B 125 17.11 -3.01 7.56
CA VAL B 125 16.86 -4.45 7.56
C VAL B 125 15.51 -4.67 8.23
N ALA B 126 14.55 -5.14 7.44
CA ALA B 126 13.21 -5.36 7.95
C ALA B 126 13.06 -6.79 8.48
N VAL B 127 12.96 -6.89 9.80
CA VAL B 127 12.93 -8.13 10.52
C VAL B 127 11.82 -8.03 11.58
N GLY B 128 10.91 -8.98 11.60
CA GLY B 128 9.78 -8.93 12.53
C GLY B 128 8.89 -7.72 12.23
N TYR B 129 8.67 -7.50 10.95
CA TYR B 129 8.01 -6.29 10.46
C TYR B 129 6.61 -6.61 9.99
N GLY B 130 5.66 -5.75 10.37
CA GLY B 130 4.29 -5.76 9.81
C GLY B 130 3.82 -4.32 9.62
N GLY B 131 3.25 -4.00 8.46
CA GLY B 131 3.01 -2.59 8.12
C GLY B 131 1.88 -1.94 8.89
N ARG B 132 0.81 -2.69 9.13
CA ARG B 132 -0.31 -2.16 9.88
C ARG B 132 0.12 -1.97 11.35
N ARG B 133 0.85 -2.95 11.88
CA ARG B 133 1.38 -2.89 13.24
C ARG B 133 2.31 -1.71 13.41
N GLU B 134 3.12 -1.44 12.39
CA GLU B 134 4.02 -0.31 12.41
C GLU B 134 3.25 0.99 12.59
N ILE B 135 2.16 1.15 11.84
CA ILE B 135 1.35 2.36 11.95
C ILE B 135 0.75 2.49 13.35
N VAL B 136 0.21 1.41 13.88
CA VAL B 136 -0.34 1.41 15.24
C VAL B 136 0.72 1.81 16.24
N ASP B 137 1.90 1.23 16.13
CA ASP B 137 2.98 1.55 17.09
C ASP B 137 3.46 2.99 16.94
N ALA B 138 3.45 3.50 15.71
CA ALA B 138 3.73 4.93 15.45
C ALA B 138 2.70 5.85 16.12
N VAL B 139 1.42 5.53 15.97
CA VAL B 139 0.34 6.30 16.60
C VAL B 139 0.47 6.25 18.13
N ARG B 140 0.78 5.08 18.67
CA ARG B 140 0.98 4.97 20.11
C ARG B 140 2.16 5.80 20.60
N ALA B 141 3.25 5.80 19.84
CA ALA B 141 4.43 6.59 20.18
C ALA B 141 4.09 8.07 20.14
N LEU B 142 3.35 8.45 19.10
CA LEU B 142 2.93 9.83 18.90
C LEU B 142 2.13 10.31 20.12
N LEU B 143 1.14 9.53 20.49
CA LEU B 143 0.23 9.89 21.59
C LEU B 143 0.96 9.90 22.93
N SER B 144 1.88 8.97 23.07
CA SER B 144 2.67 8.88 24.28
C SER B 144 3.50 10.13 24.47
N LYS B 145 4.07 10.63 23.38
CA LYS B 145 4.89 11.85 23.44
C LYS B 145 4.02 13.03 23.78
N GLU B 146 2.82 13.08 23.19
CA GLU B 146 1.88 14.14 23.50
C GLU B 146 1.51 14.11 24.98
N LEU B 147 1.20 12.93 25.49
CA LEU B 147 0.88 12.79 26.91
C LEU B 147 2.06 13.23 27.77
N ALA B 148 3.27 12.79 27.42
CA ALA B 148 4.48 13.23 28.15
C ALA B 148 4.65 14.76 28.15
N ASN B 149 4.23 15.40 27.06
CA ASN B 149 4.32 16.85 26.94
C ASN B 149 3.17 17.58 27.63
N GLY B 150 2.23 16.82 28.21
CA GLY B 150 1.18 17.38 29.07
C GLY B 150 -0.20 17.43 28.45
N ALA B 151 -0.38 16.78 27.31
CA ALA B 151 -1.68 16.79 26.65
C ALA B 151 -2.76 16.15 27.51
N THR B 152 -3.95 16.74 27.49
CA THR B 152 -5.14 16.13 28.10
C THR B 152 -5.74 15.09 27.16
N ALA B 153 -6.65 14.27 27.69
CA ALA B 153 -7.30 13.23 26.88
C ALA B 153 -8.03 13.89 25.71
N GLU B 154 -8.72 14.99 26.02
CA GLU B 154 -9.44 15.76 25.03
C GLU B 154 -8.51 16.14 23.89
N GLU B 155 -7.29 16.57 24.24
CA GLU B 155 -6.33 17.05 23.27
C GLU B 155 -5.71 15.90 22.48
N LEU B 156 -5.63 14.72 23.10
CA LEU B 156 -5.08 13.54 22.42
C LEU B 156 -5.96 13.07 21.27
N VAL B 157 -7.27 13.21 21.43
CA VAL B 157 -8.22 12.71 20.45
C VAL B 157 -7.90 13.34 19.11
N ASP B 158 -7.42 14.58 19.13
CA ASP B 158 -7.15 15.32 17.90
C ASP B 158 -5.67 15.56 17.60
N ALA B 159 -4.78 14.84 18.30
CA ALA B 159 -3.34 15.05 18.17
C ALA B 159 -2.71 14.36 16.95
N VAL B 160 -3.38 13.35 16.42
CA VAL B 160 -2.79 12.54 15.35
C VAL B 160 -2.90 13.25 14.01
N THR B 161 -1.76 13.32 13.32
CA THR B 161 -1.67 13.91 11.98
C THR B 161 -0.88 12.99 11.06
N VAL B 162 -0.99 13.21 9.76
CA VAL B 162 -0.21 12.46 8.81
C VAL B 162 1.29 12.59 9.11
N GLU B 163 1.77 13.81 9.28
CA GLU B 163 3.18 14.04 9.61
C GLU B 163 3.59 13.38 10.92
N GLY B 164 2.71 13.43 11.92
CA GLY B 164 2.95 12.76 13.20
C GLY B 164 3.15 11.27 13.06
N ILE B 165 2.32 10.61 12.25
CA ILE B 165 2.53 9.20 11.99
C ILE B 165 3.87 8.97 11.27
N SER B 166 4.13 9.67 10.17
CA SER B 166 5.39 9.48 9.44
C SER B 166 6.60 9.61 10.35
N GLU B 167 6.57 10.60 11.25
CA GLU B 167 7.69 10.89 12.17
C GLU B 167 7.93 9.85 13.26
N ASN B 168 6.97 8.96 13.43
CA ASN B 168 7.03 7.94 14.46
C ASN B 168 7.09 6.52 13.98
N LEU B 169 7.19 6.34 12.66
CA LEU B 169 7.44 5.02 12.09
C LEU B 169 8.90 4.60 12.30
N TYR B 170 9.23 3.34 11.99
CA TYR B 170 10.62 2.86 12.09
C TYR B 170 11.56 3.68 11.22
N THR B 171 11.00 4.20 10.14
CA THR B 171 11.70 4.93 9.09
C THR B 171 11.70 6.46 9.32
N SER B 172 11.41 6.89 10.56
CA SER B 172 11.46 8.29 10.93
C SER B 172 12.75 8.89 10.44
N GLY B 173 12.67 10.07 9.85
CA GLY B 173 13.86 10.77 9.38
C GLY B 173 14.36 10.35 8.01
N GLN B 174 13.74 9.33 7.41
CA GLN B 174 14.20 8.80 6.12
C GLN B 174 13.20 9.11 5.03
N PRO B 175 13.67 9.23 3.78
CA PRO B 175 12.77 9.40 2.66
C PRO B 175 11.99 8.14 2.44
N ASP B 176 10.75 8.29 2.00
CA ASP B 176 9.94 7.15 1.67
C ASP B 176 10.56 6.44 0.47
N PRO B 177 10.25 5.15 0.29
CA PRO B 177 10.76 4.45 -0.89
C PRO B 177 10.25 5.07 -2.15
N ASP B 178 11.14 5.28 -3.11
CA ASP B 178 10.77 5.73 -4.45
C ASP B 178 10.42 4.57 -5.36
N LEU B 179 11.06 3.43 -5.11
CA LEU B 179 10.98 2.28 -5.97
C LEU B 179 10.90 1.04 -5.11
N VAL B 180 9.92 0.20 -5.38
CA VAL B 180 9.79 -1.07 -4.68
C VAL B 180 9.95 -2.18 -5.70
N ILE B 181 10.92 -3.07 -5.47
CA ILE B 181 11.24 -4.18 -6.36
C ILE B 181 10.65 -5.48 -5.84
N ARG B 182 9.84 -6.12 -6.68
CA ARG B 182 9.21 -7.38 -6.35
C ARG B 182 9.61 -8.46 -7.36
N THR B 183 9.93 -9.63 -6.85
CA THR B 183 10.44 -10.70 -7.72
C THR B 183 9.44 -11.86 -7.74
N SER B 184 9.76 -12.88 -8.53
CA SER B 184 9.00 -14.11 -8.60
C SER B 184 7.63 -13.87 -9.21
N GLY B 185 7.50 -12.80 -9.99
CA GLY B 185 6.25 -12.48 -10.65
C GLY B 185 5.17 -12.05 -9.68
N GLU B 186 5.52 -11.84 -8.42
CA GLU B 186 4.57 -11.47 -7.40
C GLU B 186 4.14 -10.03 -7.58
N GLN B 187 2.84 -9.79 -7.59
CA GLN B 187 2.31 -8.43 -7.64
C GLN B 187 1.33 -8.27 -6.49
N ARG B 188 1.50 -9.08 -5.45
CA ARG B 188 0.59 -9.06 -4.30
C ARG B 188 1.26 -8.27 -3.24
N LEU B 189 0.57 -7.29 -2.69
CA LEU B 189 1.16 -6.49 -1.63
C LEU B 189 1.27 -7.35 -0.38
N SER B 190 2.18 -6.96 0.50
CA SER B 190 2.40 -7.69 1.74
C SER B 190 2.53 -6.78 2.94
N GLY B 191 2.00 -5.56 2.85
CA GLY B 191 2.08 -4.63 3.97
C GLY B 191 3.47 -4.10 4.23
N PHE B 192 4.37 -4.26 3.27
CA PHE B 192 5.78 -3.91 3.50
C PHE B 192 5.91 -2.41 3.34
N LEU B 193 6.43 -1.74 4.37
CA LEU B 193 6.51 -0.29 4.42
C LEU B 193 5.17 0.28 3.94
N LEU B 194 4.11 -0.18 4.60
CA LEU B 194 2.76 0.12 4.16
C LEU B 194 2.50 1.61 4.05
N TRP B 195 2.73 2.36 5.12
CA TRP B 195 2.46 3.80 5.08
C TRP B 195 3.40 4.50 4.11
N GLN B 196 4.67 4.12 4.17
CA GLN B 196 5.72 4.83 3.46
C GLN B 196 5.65 4.67 1.96
N SER B 197 5.11 3.54 1.51
CA SER B 197 5.15 3.19 0.09
C SER B 197 3.85 3.56 -0.64
N ALA B 198 3.05 4.42 -0.02
CA ALA B 198 1.76 4.83 -0.56
C ALA B 198 1.90 5.35 -1.98
N TYR B 199 3.01 6.03 -2.26
CA TYR B 199 3.19 6.68 -3.57
C TYR B 199 4.41 6.12 -4.33
N SER B 200 4.93 4.98 -3.89
CA SER B 200 6.11 4.38 -4.52
C SER B 200 5.81 3.77 -5.89
N GLU B 201 6.79 3.88 -6.79
CA GLU B 201 6.80 3.13 -8.03
C GLU B 201 7.02 1.66 -7.72
N MET B 202 6.21 0.81 -8.32
CA MET B 202 6.38 -0.63 -8.15
C MET B 202 6.98 -1.20 -9.42
N TRP B 203 7.90 -2.11 -9.25
CA TRP B 203 8.57 -2.73 -10.38
C TRP B 203 8.67 -4.22 -10.10
N PHE B 204 8.42 -5.00 -11.15
CA PHE B 204 8.25 -6.45 -11.05
C PHE B 204 9.17 -7.15 -12.02
N THR B 205 9.75 -8.26 -11.56
CA THR B 205 10.36 -9.24 -12.46
C THR B 205 9.83 -10.64 -12.16
N GLU B 206 9.82 -11.47 -13.19
CA GLU B 206 9.48 -12.88 -13.02
C GLU B 206 10.60 -13.65 -12.34
N ALA B 207 11.83 -13.17 -12.49
CA ALA B 207 12.98 -13.82 -11.85
C ALA B 207 12.72 -14.02 -10.36
N HIS B 208 13.02 -15.21 -9.87
CA HIS B 208 12.98 -15.45 -8.43
C HIS B 208 14.14 -14.72 -7.80
N TRP B 209 14.01 -14.40 -6.52
CA TRP B 209 15.02 -13.58 -5.87
C TRP B 209 16.45 -14.15 -6.05
N PRO B 210 16.66 -15.45 -5.77
CA PRO B 210 18.03 -15.97 -5.93
C PRO B 210 18.57 -15.92 -7.34
N ALA B 211 17.69 -15.72 -8.33
CA ALA B 211 18.06 -15.63 -9.73
C ALA B 211 18.23 -14.18 -10.19
N PHE B 212 17.96 -13.22 -9.30
CA PHE B 212 17.99 -11.80 -9.64
C PHE B 212 19.42 -11.40 -9.95
N ARG B 213 19.61 -10.73 -11.07
CA ARG B 213 20.94 -10.36 -11.55
C ARG B 213 21.07 -8.86 -11.72
N HIS B 214 22.30 -8.40 -11.82
CA HIS B 214 22.57 -6.99 -12.03
C HIS B 214 21.89 -6.44 -13.28
N VAL B 215 21.79 -7.25 -14.32
CA VAL B 215 21.08 -6.81 -15.53
C VAL B 215 19.63 -6.50 -15.20
N ASP B 216 19.03 -7.27 -14.30
CA ASP B 216 17.65 -7.01 -13.83
C ASP B 216 17.57 -5.73 -13.01
N PHE B 217 18.55 -5.51 -12.15
CA PHE B 217 18.66 -4.27 -11.40
C PHE B 217 18.76 -3.07 -12.34
N LEU B 218 19.61 -3.19 -13.35
CA LEU B 218 19.74 -2.15 -14.35
C LEU B 218 18.42 -1.88 -15.06
N ARG B 219 17.68 -2.95 -15.35
CA ARG B 219 16.36 -2.82 -15.98
C ARG B 219 15.41 -2.05 -15.08
N ALA B 220 15.42 -2.39 -13.79
CA ALA B 220 14.57 -1.70 -12.83
C ALA B 220 14.90 -0.22 -12.80
N LEU B 221 16.19 0.13 -12.80
CA LEU B 221 16.57 1.55 -12.75
C LEU B 221 16.16 2.26 -14.04
N ARG B 222 16.26 1.57 -15.17
CA ARG B 222 15.86 2.12 -16.46
C ARG B 222 14.37 2.35 -16.52
N ASP B 223 13.63 1.32 -16.11
CA ASP B 223 12.17 1.39 -16.08
C ASP B 223 11.72 2.49 -15.12
N TYR B 224 12.36 2.58 -13.95
CA TYR B 224 12.06 3.65 -13.00
C TYR B 224 12.26 5.01 -13.63
N SER B 225 13.42 5.19 -14.27
CA SER B 225 13.78 6.47 -14.90
C SER B 225 12.80 6.84 -16.03
N ALA B 226 12.34 5.82 -16.75
CA ALA B 226 11.42 6.03 -17.86
C ALA B 226 9.97 6.26 -17.43
N ARG B 227 9.66 6.06 -16.15
CA ARG B 227 8.29 6.23 -15.69
C ARG B 227 7.98 7.65 -15.26
C1 GPP C . -8.22 12.51 -12.78
O1 GPP C . -7.73 12.70 -14.13
C2 GPP C . -9.16 11.29 -12.73
C3 GPP C . -10.15 11.34 -11.56
C4 GPP C . -9.87 10.20 -10.55
C5 GPP C . -11.59 11.31 -12.11
C6 GPP C . -12.21 9.90 -12.32
C7 GPP C . -13.53 10.03 -12.76
C8 GPP C . -14.20 9.39 -13.80
C9 GPP C . -13.55 8.31 -14.69
C10 GPP C . -15.67 9.77 -14.07
PA GPP C . -6.87 11.62 -14.77
O1A GPP C . -5.79 11.23 -13.71
O2A GPP C . -7.66 10.38 -15.18
O3A GPP C . -6.16 12.23 -16.11
PB GPP C . -4.72 11.66 -16.51
O1B GPP C . -4.45 10.44 -15.68
O2B GPP C . -4.63 11.34 -17.94
O3B GPP C . -3.80 12.81 -16.17
C1 GOL D . -12.47 7.78 8.10
O1 GOL D . -11.40 6.88 8.25
C2 GOL D . -13.47 7.53 9.23
O2 GOL D . -14.28 6.45 8.82
C3 GOL D . -14.30 8.75 9.60
O3 GOL D . -15.01 8.39 10.78
C1 GPP E . 11.45 -16.19 2.40
O1 GPP E . 10.56 -17.14 1.74
C2 GPP E . 10.75 -14.85 2.68
C3 GPP E . 11.75 -13.69 2.79
C4 GPP E . 11.99 -13.07 1.43
C5 GPP E . 13.07 -14.12 3.45
C6 GPP E . 14.27 -13.36 2.85
C7 GPP E . 15.49 -13.82 3.32
C8 GPP E . 16.59 -14.18 2.53
C9 GPP E . 16.52 -14.08 1.00
C10 GPP E . 17.86 -14.66 3.21
PA GPP E . 10.16 -16.95 0.30
O1A GPP E . 8.84 -16.18 0.34
O2A GPP E . 11.19 -16.13 -0.44
O3A GPP E . 9.94 -18.33 -0.49
PB GPP E . 8.83 -18.38 -1.67
O1B GPP E . 8.44 -16.99 -2.02
O2B GPP E . 9.38 -19.06 -2.90
O3B GPP E . 7.63 -19.16 -1.19
C1 GOL F . 7.11 2.88 17.07
O1 GOL F . 7.86 3.74 17.91
C2 GOL F . 8.00 2.36 15.95
O2 GOL F . 8.67 3.45 15.35
C3 GOL F . 7.18 1.61 14.91
O3 GOL F . 6.27 2.51 14.30
C1 GOL G . 24.64 -10.08 -12.45
O1 GOL G . 24.96 -11.05 -11.50
C2 GOL G . 24.74 -10.57 -13.88
O2 GOL G . 26.10 -10.79 -14.16
C3 GOL G . 24.16 -9.57 -14.85
O3 GOL G . 24.91 -9.58 -16.05
#